data_6ZZD
#
_entry.id   6ZZD
#
_cell.length_a   107.888
_cell.length_b   65.722
_cell.length_c   90.423
_cell.angle_alpha   90.000
_cell.angle_beta   109.026
_cell.angle_gamma   90.000
#
_symmetry.space_group_name_H-M   'C 1 2 1'
#
loop_
_entity.id
_entity.type
_entity.pdbx_description
1 polymer 'Centriole protein'
2 polymer MB_CRS6-13
3 water water
#
loop_
_entity_poly.entity_id
_entity_poly.type
_entity_poly.pdbx_seq_one_letter_code
_entity_poly.pdbx_strand_id
1 'polypeptide(L)'
;GMPLLLDDGDPKAQTGFDLSTATTLFWRPVPVHVKQQDREDVLEELTFRILTGVAKQNHNLRILRIHISSDSDLFFLHTL
EVSEEDFQSLKNDQGILVDFASFPGKIISLLEKCILAQPGDSPRFQAVLTIRGGESVFKIVEINDFKQLPHITLAFRPGN
;
A,B
2 'polypeptide(L)'
;MKHHHHHHSSGLNDIFEAQKIEWHEENLYFQGSVSSVPTKLEVVAATPTSLLISWDAPAVTVYFYVITYGETGGNSPVQE
FEVPGSKSTATISGLKPGVDYTITVYANNKYSRWYGISPISINYRT
;
C,D
#
# COMPACT_ATOMS: atom_id res chain seq x y z
N ALA A 13 10.66 8.54 -7.22
CA ALA A 13 11.12 8.71 -8.59
C ALA A 13 12.65 8.66 -8.68
N GLN A 14 13.27 9.77 -8.34
CA GLN A 14 14.73 9.86 -8.31
C GLN A 14 15.32 8.90 -7.27
N THR A 15 15.01 9.15 -6.01
CA THR A 15 15.55 8.47 -4.84
C THR A 15 15.69 6.95 -5.03
N GLY A 16 14.59 6.19 -4.98
CA GLY A 16 14.69 4.75 -5.00
C GLY A 16 14.49 4.09 -3.65
N PHE A 17 13.54 4.60 -2.86
CA PHE A 17 13.38 4.21 -1.46
C PHE A 17 13.21 2.71 -1.32
N ASP A 18 14.02 2.12 -0.42
CA ASP A 18 13.97 0.68 -0.19
C ASP A 18 12.61 0.24 0.31
N LEU A 19 12.15 0.84 1.41
CA LEU A 19 10.82 0.62 1.96
C LEU A 19 10.68 -0.73 2.64
N SER A 20 11.57 -1.68 2.34
CA SER A 20 11.54 -2.98 2.98
C SER A 20 12.45 -3.04 4.21
N THR A 21 13.33 -2.03 4.37
CA THR A 21 14.15 -1.88 5.56
C THR A 21 13.97 -0.51 6.18
N ALA A 22 12.83 0.12 5.92
CA ALA A 22 12.52 1.44 6.44
C ALA A 22 12.33 1.41 7.96
N THR A 23 12.64 2.54 8.59
CA THR A 23 12.46 2.77 10.01
C THR A 23 11.32 3.78 10.16
N THR A 24 10.28 3.43 10.92
CA THR A 24 9.17 4.34 11.18
C THR A 24 9.55 5.33 12.27
N LEU A 25 9.30 6.62 12.03
CA LEU A 25 9.60 7.65 13.02
C LEU A 25 8.36 8.29 13.62
N PHE A 26 7.27 8.34 12.88
CA PHE A 26 6.11 9.16 13.22
C PHE A 26 4.95 8.62 12.41
N TRP A 27 3.81 8.38 13.06
CA TRP A 27 2.65 7.85 12.34
C TRP A 27 1.40 8.22 13.14
N ARG A 28 0.85 9.40 12.91
CA ARG A 28 -0.30 9.86 13.67
C ARG A 28 -0.95 11.04 12.95
N PRO A 29 -2.18 11.40 13.32
CA PRO A 29 -2.84 12.56 12.70
C PRO A 29 -2.24 13.87 13.20
N VAL A 30 -2.35 14.89 12.36
CA VAL A 30 -1.92 16.26 12.67
C VAL A 30 -2.99 17.20 12.13
N PRO A 31 -3.46 18.17 12.92
CA PRO A 31 -4.43 19.15 12.38
C PRO A 31 -3.75 20.01 11.32
N VAL A 32 -4.35 20.04 10.13
CA VAL A 32 -3.81 20.77 9.00
C VAL A 32 -4.90 21.64 8.38
N HIS A 33 -4.58 22.90 8.15
CA HIS A 33 -5.45 23.78 7.38
C HIS A 33 -5.20 23.51 5.90
N VAL A 34 -6.18 22.90 5.24
CA VAL A 34 -6.05 22.52 3.84
C VAL A 34 -6.70 23.60 2.98
N LYS A 35 -5.94 24.10 2.01
CA LYS A 35 -6.41 25.13 1.10
C LYS A 35 -6.41 24.54 -0.29
N GLN A 36 -7.59 24.45 -0.90
CA GLN A 36 -7.75 23.90 -2.23
C GLN A 36 -8.30 24.98 -3.16
N GLN A 37 -8.04 24.75 -4.45
CA GLN A 37 -8.29 25.76 -5.49
C GLN A 37 -9.75 26.19 -5.52
N ASP A 38 -10.65 25.26 -5.83
CA ASP A 38 -12.07 25.56 -5.98
C ASP A 38 -12.91 25.02 -4.83
N ARG A 39 -12.35 24.95 -3.63
CA ARG A 39 -13.10 24.46 -2.48
C ARG A 39 -12.96 25.45 -1.34
N GLU A 40 -13.79 25.32 -0.31
CA GLU A 40 -13.71 26.18 0.87
C GLU A 40 -12.59 25.58 1.71
N ASP A 41 -11.92 26.43 2.48
CA ASP A 41 -10.86 25.97 3.37
C ASP A 41 -11.37 24.98 4.42
N VAL A 42 -10.55 23.95 4.70
CA VAL A 42 -10.91 22.91 5.65
C VAL A 42 -9.82 22.73 6.70
N LEU A 43 -10.24 22.62 7.96
CA LEU A 43 -9.40 22.20 9.07
C LEU A 43 -9.68 20.72 9.37
N GLU A 44 -8.80 19.84 8.92
CA GLU A 44 -8.97 18.41 9.14
C GLU A 44 -7.67 17.76 9.63
N GLU A 45 -7.84 16.64 10.33
CA GLU A 45 -6.71 15.87 10.85
C GLU A 45 -6.18 14.94 9.75
N LEU A 46 -4.98 15.20 9.26
CA LEU A 46 -4.35 14.34 8.27
C LEU A 46 -3.32 13.45 8.95
N THR A 47 -3.20 12.22 8.44
CA THR A 47 -2.25 11.26 8.98
C THR A 47 -0.89 11.47 8.31
N PHE A 48 0.14 11.67 9.12
CA PHE A 48 1.52 11.78 8.66
C PHE A 48 2.27 10.50 9.02
N ARG A 49 2.91 9.90 8.04
CA ARG A 49 3.79 8.76 8.28
C ARG A 49 5.18 9.15 7.81
N ILE A 50 6.12 9.21 8.76
CA ILE A 50 7.50 9.63 8.51
C ILE A 50 8.41 8.42 8.65
N LEU A 51 9.12 8.08 7.58
CA LEU A 51 10.08 6.99 7.56
C LEU A 51 11.43 7.50 7.08
N THR A 52 12.48 6.83 7.53
CA THR A 52 13.78 6.98 6.91
C THR A 52 14.21 5.62 6.40
N GLY A 53 15.02 5.64 5.36
CA GLY A 53 15.55 4.42 4.79
C GLY A 53 16.74 4.74 3.91
N VAL A 54 17.04 3.80 3.03
CA VAL A 54 18.16 3.91 2.10
C VAL A 54 17.66 3.54 0.71
N ALA A 55 18.49 3.83 -0.29
CA ALA A 55 18.16 3.52 -1.68
C ALA A 55 18.28 2.01 -1.95
N LYS A 56 17.55 1.52 -2.96
CA LYS A 56 17.53 0.08 -3.25
C LYS A 56 18.77 -0.42 -4.00
N GLN A 57 19.61 0.48 -4.52
CA GLN A 57 20.82 0.14 -5.27
C GLN A 57 22.03 0.67 -4.55
N ASN A 58 21.83 1.30 -3.39
CA ASN A 58 22.90 2.01 -2.74
C ASN A 58 22.46 2.22 -1.29
N HIS A 59 22.89 1.31 -0.44
CA HIS A 59 22.56 1.33 0.98
C HIS A 59 23.25 2.46 1.74
N ASN A 60 24.07 3.28 1.07
CA ASN A 60 24.74 4.39 1.75
C ASN A 60 24.05 5.73 1.51
N LEU A 61 23.00 5.76 0.69
CA LEU A 61 22.22 6.98 0.47
C LEU A 61 21.01 6.96 1.40
N ARG A 62 21.05 7.79 2.44
CA ARG A 62 19.95 7.91 3.39
C ARG A 62 18.85 8.78 2.81
N ILE A 63 17.60 8.42 3.10
CA ILE A 63 16.44 9.09 2.53
C ILE A 63 15.38 9.29 3.59
N LEU A 64 14.79 10.47 3.60
CA LEU A 64 13.65 10.79 4.45
C LEU A 64 12.41 10.79 3.59
N ARG A 65 11.36 10.10 4.05
CA ARG A 65 10.10 9.99 3.33
C ARG A 65 8.95 10.42 4.24
N ILE A 66 8.06 11.26 3.72
CA ILE A 66 6.88 11.70 4.44
C ILE A 66 5.65 11.46 3.58
N HIS A 67 4.69 10.71 4.10
CA HIS A 67 3.43 10.47 3.41
C HIS A 67 2.29 11.10 4.21
N ILE A 68 1.45 11.86 3.52
CA ILE A 68 0.25 12.49 4.10
C ILE A 68 -0.98 11.78 3.51
N SER A 69 -1.84 11.26 4.38
CA SER A 69 -3.07 10.56 3.98
C SER A 69 -4.18 10.99 4.93
N SER A 70 -5.47 10.69 4.62
CA SER A 70 -6.53 10.87 5.63
C SER A 70 -7.17 9.54 5.91
N ASP A 71 -7.73 9.44 7.11
CA ASP A 71 -8.63 8.35 7.43
C ASP A 71 -9.98 8.42 6.71
N SER A 72 -10.41 9.58 6.24
CA SER A 72 -11.73 9.66 5.61
C SER A 72 -11.71 9.37 4.11
N ASP A 73 -10.59 9.64 3.45
CA ASP A 73 -10.44 9.39 2.01
C ASP A 73 -9.20 8.52 1.79
N LEU A 74 -9.44 7.26 1.39
CA LEU A 74 -8.35 6.29 1.22
C LEU A 74 -7.45 6.60 0.03
N PHE A 75 -7.97 7.21 -1.02
CA PHE A 75 -7.17 7.49 -2.20
C PHE A 75 -6.45 8.84 -2.13
N PHE A 76 -6.59 9.56 -1.02
CA PHE A 76 -5.90 10.83 -0.83
C PHE A 76 -4.50 10.54 -0.31
N LEU A 77 -3.48 10.92 -1.08
CA LEU A 77 -2.10 10.65 -0.69
C LEU A 77 -1.16 11.67 -1.31
N HIS A 78 -0.33 12.30 -0.47
CA HIS A 78 0.72 13.23 -0.89
C HIS A 78 2.03 12.79 -0.27
N THR A 79 3.10 12.75 -1.08
CA THR A 79 4.35 12.16 -0.64
C THR A 79 5.51 13.13 -0.87
N LEU A 80 6.53 12.97 -0.02
CA LEU A 80 7.77 13.72 -0.10
C LEU A 80 8.93 12.80 0.25
N GLU A 81 9.99 12.88 -0.56
CA GLU A 81 11.23 12.12 -0.34
C GLU A 81 12.42 13.07 -0.46
N VAL A 82 13.24 13.13 0.57
CA VAL A 82 14.45 13.94 0.58
C VAL A 82 15.63 13.02 0.85
N SER A 83 16.47 12.81 -0.15
CA SER A 83 17.74 12.14 0.07
C SER A 83 18.71 13.08 0.80
N GLU A 84 19.75 12.47 1.39
CA GLU A 84 20.78 13.28 2.04
C GLU A 84 21.48 14.19 1.03
N GLU A 85 21.58 13.76 -0.23
CA GLU A 85 22.10 14.63 -1.27
C GLU A 85 21.16 15.80 -1.53
N ASP A 86 19.86 15.52 -1.66
CA ASP A 86 18.87 16.57 -1.84
C ASP A 86 18.91 17.60 -0.73
N PHE A 87 19.25 17.17 0.48
CA PHE A 87 19.12 18.05 1.65
C PHE A 87 20.03 19.26 1.56
N GLN A 88 21.14 19.16 0.83
CA GLN A 88 22.08 20.28 0.78
C GLN A 88 21.48 21.47 0.06
N SER A 89 20.84 21.24 -1.10
CA SER A 89 20.09 22.29 -1.77
C SER A 89 18.99 22.84 -0.88
N LEU A 90 18.16 21.95 -0.30
CA LEU A 90 17.05 22.39 0.53
C LEU A 90 17.52 23.15 1.77
N LYS A 91 18.68 22.77 2.33
CA LYS A 91 19.19 23.42 3.52
C LYS A 91 19.60 24.86 3.24
N ASN A 92 19.92 25.20 2.00
CA ASN A 92 20.38 26.56 1.74
C ASN A 92 19.26 27.46 1.24
N ASP A 93 18.20 26.88 0.69
CA ASP A 93 17.02 27.66 0.33
C ASP A 93 16.32 28.23 1.54
N GLN A 94 16.24 27.44 2.62
CA GLN A 94 15.47 27.83 3.79
C GLN A 94 16.33 28.29 4.97
N GLY A 95 17.65 28.37 4.81
CA GLY A 95 18.52 28.77 5.90
C GLY A 95 18.57 27.81 7.06
N ILE A 96 18.29 26.53 6.80
CA ILE A 96 18.33 25.48 7.82
C ILE A 96 19.76 25.33 8.35
N LEU A 97 19.88 25.19 9.68
CA LEU A 97 21.19 25.17 10.32
C LEU A 97 21.55 23.84 10.96
N VAL A 98 20.65 22.87 10.93
CA VAL A 98 20.95 21.53 11.41
C VAL A 98 21.44 20.67 10.27
N ASP A 99 22.05 19.53 10.61
CA ASP A 99 22.48 18.55 9.63
C ASP A 99 21.34 17.57 9.30
N PHE A 100 21.59 16.73 8.29
CA PHE A 100 20.58 15.75 7.87
C PHE A 100 20.29 14.75 8.96
N ALA A 101 21.30 14.40 9.77
CA ALA A 101 21.09 13.46 10.86
C ALA A 101 20.02 13.94 11.84
N SER A 102 19.92 15.27 12.08
CA SER A 102 18.96 15.84 13.01
C SER A 102 17.71 16.38 12.36
N PHE A 103 17.70 16.56 11.04
CA PHE A 103 16.55 17.15 10.35
C PHE A 103 15.22 16.49 10.68
N PRO A 104 15.08 15.15 10.71
CA PRO A 104 13.75 14.57 10.98
C PRO A 104 13.21 14.93 12.36
N GLY A 105 14.09 15.03 13.37
CA GLY A 105 13.64 15.44 14.69
C GLY A 105 13.10 16.85 14.75
N LYS A 106 13.64 17.77 13.93
CA LYS A 106 13.11 19.12 13.88
C LYS A 106 11.73 19.17 13.23
N ILE A 107 11.53 18.38 12.17
CA ILE A 107 10.21 18.29 11.56
C ILE A 107 9.21 17.72 12.55
N ILE A 108 9.61 16.67 13.27
CA ILE A 108 8.71 16.01 14.21
C ILE A 108 8.36 16.94 15.36
N SER A 109 9.33 17.70 15.85
CA SER A 109 9.02 18.57 16.97
C SER A 109 8.17 19.76 16.54
N LEU A 110 8.23 20.15 15.27
CA LEU A 110 7.30 21.17 14.75
C LEU A 110 5.89 20.60 14.61
N LEU A 111 5.78 19.38 14.07
CA LEU A 111 4.47 18.73 14.00
C LEU A 111 3.88 18.58 15.40
N GLU A 112 4.71 18.21 16.38
CA GLU A 112 4.24 18.11 17.76
C GLU A 112 3.69 19.44 18.24
N LYS A 113 4.37 20.55 17.90
CA LYS A 113 3.86 21.86 18.27
C LYS A 113 2.47 22.11 17.69
N CYS A 114 2.18 21.59 16.49
CA CYS A 114 0.86 21.85 15.90
C CYS A 114 -0.20 20.94 16.46
N ILE A 115 0.19 19.76 16.95
CA ILE A 115 -0.76 18.90 17.66
C ILE A 115 -1.16 19.55 18.98
N LEU A 116 -0.19 20.12 19.70
CA LEU A 116 -0.45 20.73 21.00
C LEU A 116 -1.05 22.12 20.91
N ALA A 117 -1.11 22.72 19.71
CA ALA A 117 -1.55 24.10 19.57
C ALA A 117 -3.00 24.26 20.01
N GLN A 118 -3.30 25.42 20.60
CA GLN A 118 -4.62 25.78 21.06
C GLN A 118 -5.08 27.07 20.40
N PRO A 119 -6.40 27.22 20.17
CA PRO A 119 -6.90 28.43 19.48
C PRO A 119 -6.46 29.74 20.09
N GLY A 120 -6.30 29.81 21.41
CA GLY A 120 -5.88 31.04 22.06
C GLY A 120 -4.39 31.24 22.19
N ASP A 121 -3.59 30.34 21.61
CA ASP A 121 -2.14 30.44 21.73
C ASP A 121 -1.60 31.64 20.96
N SER A 122 -0.52 32.22 21.49
CA SER A 122 0.19 33.32 20.84
C SER A 122 1.61 33.40 21.39
N PRO A 123 2.63 32.92 20.66
CA PRO A 123 2.58 32.39 19.30
C PRO A 123 1.86 31.04 19.18
N ARG A 124 1.15 30.85 18.07
CA ARG A 124 0.43 29.63 17.78
C ARG A 124 1.05 28.98 16.56
N PHE A 125 1.40 27.70 16.67
CA PHE A 125 1.95 26.96 15.54
C PHE A 125 0.82 26.31 14.76
N GLN A 126 0.93 26.30 13.44
CA GLN A 126 -0.17 25.89 12.58
C GLN A 126 0.40 25.22 11.34
N ALA A 127 -0.21 24.12 10.93
CA ALA A 127 0.19 23.38 9.74
C ALA A 127 -0.76 23.70 8.59
N VAL A 128 -0.19 23.89 7.40
CA VAL A 128 -0.93 24.32 6.22
C VAL A 128 -0.49 23.49 5.02
N LEU A 129 -1.46 23.07 4.20
CA LEU A 129 -1.23 22.34 2.96
C LEU A 129 -2.07 22.95 1.85
N THR A 130 -1.41 23.38 0.78
CA THR A 130 -2.06 24.04 -0.36
C THR A 130 -1.88 23.17 -1.61
N ILE A 131 -2.95 23.00 -2.39
CA ILE A 131 -3.01 21.95 -3.41
C ILE A 131 -3.32 22.54 -4.80
N ARG A 132 -2.44 22.31 -5.78
CA ARG A 132 -2.62 22.70 -7.19
C ARG A 132 -2.57 21.45 -8.07
N GLY A 133 -3.59 20.61 -8.02
CA GLY A 133 -3.53 19.51 -8.94
C GLY A 133 -2.40 18.57 -8.60
N GLY A 134 -1.38 18.55 -9.46
CA GLY A 134 -0.22 17.69 -9.24
C GLY A 134 0.90 18.25 -8.39
N GLU A 135 0.64 19.26 -7.56
CA GLU A 135 1.67 19.74 -6.64
C GLU A 135 1.01 20.37 -5.43
N SER A 136 1.63 20.15 -4.26
CA SER A 136 1.12 20.65 -2.99
C SER A 136 2.29 21.18 -2.19
N VAL A 137 2.05 22.25 -1.44
CA VAL A 137 3.09 22.89 -0.63
C VAL A 137 2.67 22.80 0.82
N PHE A 138 3.50 22.16 1.63
CA PHE A 138 3.23 22.01 3.06
C PHE A 138 4.14 22.94 3.84
N LYS A 139 3.56 23.66 4.79
CA LYS A 139 4.33 24.58 5.61
C LYS A 139 3.81 24.51 7.04
N ILE A 140 4.71 24.71 8.00
CA ILE A 140 4.36 24.90 9.39
C ILE A 140 4.74 26.33 9.73
N VAL A 141 3.77 27.13 10.14
CA VAL A 141 4.00 28.54 10.39
C VAL A 141 3.76 28.80 11.87
N GLU A 142 4.38 29.86 12.35
CA GLU A 142 4.18 30.36 13.70
C GLU A 142 3.50 31.72 13.60
N ILE A 143 2.27 31.81 14.07
CA ILE A 143 1.51 33.06 14.01
C ILE A 143 1.73 33.79 15.33
N ASN A 144 2.39 34.95 15.25
CA ASN A 144 2.60 35.83 16.38
C ASN A 144 1.84 37.15 16.19
N ASP A 145 1.98 38.03 17.18
CA ASP A 145 1.36 39.34 17.17
C ASP A 145 1.73 40.21 15.97
N PHE A 146 2.70 39.79 15.14
CA PHE A 146 3.15 40.64 14.04
C PHE A 146 3.11 40.00 12.67
N LYS A 147 3.16 38.68 12.55
CA LYS A 147 3.16 38.09 11.22
C LYS A 147 3.01 36.59 11.31
N GLN A 148 2.69 36.00 10.16
CA GLN A 148 2.78 34.55 10.02
C GLN A 148 4.22 34.25 9.62
N LEU A 149 4.88 33.38 10.37
CA LEU A 149 6.31 33.11 10.19
C LEU A 149 6.55 31.66 9.82
N PRO A 150 7.02 31.36 8.60
CA PRO A 150 7.22 29.96 8.19
C PRO A 150 8.47 29.35 8.82
N HIS A 151 8.28 28.22 9.49
CA HIS A 151 9.42 27.48 10.04
C HIS A 151 9.96 26.44 9.07
N ILE A 152 9.11 25.90 8.20
CA ILE A 152 9.55 24.94 7.20
C ILE A 152 8.53 24.95 6.07
N THR A 153 9.01 24.72 4.85
CA THR A 153 8.16 24.66 3.66
C THR A 153 8.66 23.51 2.80
N LEU A 154 7.75 22.62 2.40
CA LEU A 154 8.13 21.39 1.73
C LEU A 154 7.20 21.12 0.55
N ALA A 155 7.78 20.83 -0.61
CA ALA A 155 7.01 20.49 -1.80
C ALA A 155 6.61 19.01 -1.74
N PHE A 156 5.32 18.74 -1.86
CA PHE A 156 4.79 17.38 -1.91
C PHE A 156 4.26 17.06 -3.29
N ARG A 157 3.97 15.78 -3.52
CA ARG A 157 3.52 15.28 -4.80
C ARG A 157 2.36 14.31 -4.59
N PRO A 158 1.35 14.33 -5.46
CA PRO A 158 0.28 13.33 -5.35
C PRO A 158 0.83 11.92 -5.57
N GLY A 159 0.27 10.96 -4.82
CA GLY A 159 0.67 9.58 -4.95
C GLY A 159 2.04 9.30 -4.34
N GLN B 14 -24.34 -22.95 9.42
CA GLN B 14 -24.68 -21.50 9.56
C GLN B 14 -25.97 -20.96 8.92
N THR B 15 -25.91 -19.93 8.11
CA THR B 15 -27.09 -19.21 7.63
C THR B 15 -26.41 -18.03 6.99
N GLY B 16 -26.97 -17.41 5.95
CA GLY B 16 -26.16 -16.55 5.11
C GLY B 16 -25.96 -17.22 3.75
N PHE B 17 -24.85 -16.86 3.09
CA PHE B 17 -24.65 -17.31 1.72
C PHE B 17 -24.52 -18.83 1.62
N ASP B 18 -25.42 -19.42 0.84
CA ASP B 18 -25.40 -20.84 0.51
C ASP B 18 -24.51 -21.05 -0.71
N LEU B 19 -23.18 -21.23 -0.55
CA LEU B 19 -22.43 -21.89 -1.63
C LEU B 19 -23.02 -23.15 -2.20
N SER B 20 -23.73 -23.96 -1.42
CA SER B 20 -23.91 -25.25 -2.08
C SER B 20 -24.81 -25.16 -3.30
N THR B 21 -25.44 -24.01 -3.51
CA THR B 21 -26.25 -23.78 -4.69
C THR B 21 -25.82 -22.53 -5.44
N ALA B 22 -24.59 -22.10 -5.25
CA ALA B 22 -24.10 -20.91 -5.93
C ALA B 22 -23.93 -21.16 -7.42
N THR B 23 -24.12 -20.08 -8.19
CA THR B 23 -23.92 -20.07 -9.63
C THR B 23 -22.66 -19.26 -9.93
N THR B 24 -21.73 -19.87 -10.68
CA THR B 24 -20.50 -19.18 -11.10
C THR B 24 -20.78 -18.26 -12.28
N LEU B 25 -20.30 -17.02 -12.19
CA LEU B 25 -20.41 -16.03 -13.25
C LEU B 25 -19.07 -15.67 -13.89
N PHE B 26 -17.98 -15.74 -13.14
CA PHE B 26 -16.71 -15.20 -13.58
C PHE B 26 -15.63 -15.82 -12.69
N TRP B 27 -14.59 -16.37 -13.32
CA TRP B 27 -13.55 -17.05 -12.56
C TRP B 27 -12.26 -17.03 -13.37
N ARG B 28 -11.50 -15.94 -13.28
CA ARG B 28 -10.30 -15.81 -14.10
C ARG B 28 -9.44 -14.65 -13.59
N PRO B 29 -8.19 -14.53 -14.04
CA PRO B 29 -7.36 -13.39 -13.59
C PRO B 29 -7.77 -12.08 -14.24
N VAL B 30 -7.47 -11.00 -13.52
CA VAL B 30 -7.64 -9.62 -14.02
C VAL B 30 -6.41 -8.82 -13.60
N PRO B 31 -5.75 -8.09 -14.49
CA PRO B 31 -4.64 -7.22 -14.05
C PRO B 31 -5.17 -6.15 -13.12
N VAL B 32 -4.57 -6.04 -11.93
CA VAL B 32 -5.00 -5.05 -10.94
C VAL B 32 -3.77 -4.28 -10.43
N HIS B 33 -3.89 -2.96 -10.38
CA HIS B 33 -2.91 -2.08 -9.73
C HIS B 33 -3.21 -2.12 -8.23
N VAL B 34 -2.36 -2.79 -7.46
CA VAL B 34 -2.56 -3.01 -6.03
C VAL B 34 -1.72 -2.02 -5.24
N LYS B 35 -2.37 -1.28 -4.33
CA LYS B 35 -1.70 -0.31 -3.48
C LYS B 35 -1.91 -0.72 -2.02
N GLN B 36 -0.82 -1.05 -1.34
CA GLN B 36 -0.87 -1.45 0.06
C GLN B 36 -0.02 -0.50 0.89
N GLN B 37 -0.34 -0.43 2.18
CA GLN B 37 0.23 0.60 3.05
C GLN B 37 1.75 0.53 3.11
N ASP B 38 2.29 -0.58 3.61
CA ASP B 38 3.73 -0.69 3.85
C ASP B 38 4.44 -1.53 2.80
N ARG B 39 3.91 -1.55 1.59
CA ARG B 39 4.52 -2.28 0.48
C ARG B 39 4.57 -1.40 -0.75
N GLU B 40 5.31 -1.85 -1.75
CA GLU B 40 5.41 -1.14 -3.02
C GLU B 40 4.23 -1.53 -3.91
N ASP B 41 3.81 -0.59 -4.76
CA ASP B 41 2.74 -0.86 -5.70
C ASP B 41 3.10 -2.01 -6.63
N VAL B 42 2.12 -2.88 -6.90
CA VAL B 42 2.32 -3.98 -7.84
C VAL B 42 1.14 -4.00 -8.82
N LEU B 43 1.46 -4.19 -10.09
CA LEU B 43 0.48 -4.48 -11.12
C LEU B 43 0.49 -5.98 -11.36
N GLU B 44 -0.47 -6.70 -10.76
CA GLU B 44 -0.47 -8.15 -10.89
C GLU B 44 -1.83 -8.70 -11.28
N GLU B 45 -1.81 -9.90 -11.85
CA GLU B 45 -3.04 -10.59 -12.24
C GLU B 45 -3.61 -11.26 -11.00
N LEU B 46 -4.73 -10.75 -10.53
CA LEU B 46 -5.44 -11.30 -9.40
C LEU B 46 -6.62 -12.11 -9.91
N THR B 47 -6.93 -13.20 -9.22
CA THR B 47 -8.06 -14.02 -9.61
C THR B 47 -9.35 -13.47 -9.01
N PHE B 48 -10.33 -13.23 -9.88
CA PHE B 48 -11.66 -12.82 -9.46
C PHE B 48 -12.61 -14.00 -9.62
N ARG B 49 -13.31 -14.33 -8.55
CA ARG B 49 -14.36 -15.36 -8.58
C ARG B 49 -15.66 -14.67 -8.19
N ILE B 50 -16.61 -14.59 -9.13
CA ILE B 50 -17.88 -13.91 -8.91
C ILE B 50 -18.99 -14.97 -8.91
N LEU B 51 -19.73 -15.05 -7.80
CA LEU B 51 -20.86 -15.96 -7.68
C LEU B 51 -22.12 -15.21 -7.28
N THR B 52 -23.27 -15.78 -7.63
CA THR B 52 -24.53 -15.37 -7.03
C THR B 52 -25.17 -16.59 -6.38
N GLY B 53 -25.97 -16.32 -5.36
CA GLY B 53 -26.68 -17.38 -4.69
C GLY B 53 -27.83 -16.83 -3.90
N VAL B 54 -28.25 -17.61 -2.90
CA VAL B 54 -29.35 -17.21 -2.03
C VAL B 54 -28.91 -17.44 -0.59
N ALA B 55 -29.69 -16.88 0.34
CA ALA B 55 -29.42 -17.04 1.76
C ALA B 55 -29.85 -18.42 2.22
N LYS B 56 -29.18 -18.91 3.28
CA LYS B 56 -29.49 -20.23 3.81
C LYS B 56 -30.77 -20.22 4.64
N GLN B 57 -31.27 -19.05 5.00
CA GLN B 57 -32.49 -18.91 5.79
C GLN B 57 -33.59 -18.18 5.05
N ASN B 58 -33.37 -17.88 3.76
CA ASN B 58 -34.39 -17.26 2.92
C ASN B 58 -33.93 -17.48 1.49
N HIS B 59 -34.41 -18.55 0.87
N HIS B 59 -34.42 -18.56 0.86
CA HIS B 59 -34.05 -18.85 -0.50
CA HIS B 59 -34.05 -18.85 -0.53
C HIS B 59 -34.65 -17.87 -1.51
C HIS B 59 -34.42 -17.71 -1.48
N ASN B 60 -35.27 -16.78 -1.04
CA ASN B 60 -35.73 -15.69 -1.91
C ASN B 60 -34.84 -14.45 -1.83
N LEU B 61 -33.82 -14.42 -0.97
CA LEU B 61 -32.90 -13.29 -0.89
C LEU B 61 -31.68 -13.58 -1.76
N ARG B 62 -31.57 -12.85 -2.87
CA ARG B 62 -30.45 -13.00 -3.78
C ARG B 62 -29.21 -12.30 -3.21
N ILE B 63 -28.04 -12.89 -3.42
CA ILE B 63 -26.78 -12.36 -2.91
C ILE B 63 -25.72 -12.46 -3.99
N LEU B 64 -24.94 -11.38 -4.15
CA LEU B 64 -23.80 -11.35 -5.05
C LEU B 64 -22.53 -11.43 -4.22
N ARG B 65 -21.62 -12.32 -4.61
CA ARG B 65 -20.37 -12.53 -3.88
C ARG B 65 -19.20 -12.44 -4.83
N ILE B 66 -18.16 -11.71 -4.42
CA ILE B 66 -16.92 -11.58 -5.22
C ILE B 66 -15.73 -11.89 -4.33
N HIS B 67 -14.89 -12.83 -4.79
CA HIS B 67 -13.66 -13.21 -4.11
C HIS B 67 -12.47 -12.78 -4.95
N ILE B 68 -11.54 -12.05 -4.34
CA ILE B 68 -10.29 -11.67 -4.99
C ILE B 68 -9.18 -12.46 -4.30
N SER B 69 -8.42 -13.23 -5.08
CA SER B 69 -7.34 -14.04 -4.53
C SER B 69 -6.10 -13.88 -5.41
N SER B 70 -4.95 -14.36 -4.91
CA SER B 70 -3.68 -14.24 -5.60
C SER B 70 -3.03 -15.61 -5.81
N ASP B 71 -2.40 -15.78 -6.97
CA ASP B 71 -1.52 -16.93 -7.20
C ASP B 71 -0.17 -16.79 -6.50
N SER B 72 0.16 -15.57 -6.10
CA SER B 72 1.46 -15.24 -5.54
C SER B 72 1.51 -15.47 -4.03
N ASP B 73 0.40 -15.15 -3.38
CA ASP B 73 0.22 -15.23 -1.93
C ASP B 73 -1.05 -16.02 -1.65
N LEU B 74 -0.93 -17.22 -1.07
CA LEU B 74 -2.11 -18.03 -0.82
C LEU B 74 -2.98 -17.38 0.25
N PHE B 75 -2.39 -16.59 1.15
CA PHE B 75 -3.16 -15.99 2.24
C PHE B 75 -3.83 -14.67 1.86
N PHE B 76 -3.69 -14.23 0.62
CA PHE B 76 -4.32 -13.00 0.14
C PHE B 76 -5.74 -13.28 -0.32
N LEU B 77 -6.72 -12.70 0.35
CA LEU B 77 -8.11 -12.90 -0.02
C LEU B 77 -8.93 -11.68 0.42
N HIS B 78 -9.68 -11.11 -0.51
CA HIS B 78 -10.60 -10.02 -0.23
C HIS B 78 -11.95 -10.38 -0.82
N THR B 79 -13.02 -10.23 -0.04
CA THR B 79 -14.34 -10.67 -0.44
C THR B 79 -15.35 -9.55 -0.27
N LEU B 80 -16.40 -9.62 -1.07
CA LEU B 80 -17.50 -8.67 -1.01
C LEU B 80 -18.79 -9.46 -1.18
N GLU B 81 -19.78 -9.17 -0.35
CA GLU B 81 -21.09 -9.80 -0.41
C GLU B 81 -22.16 -8.71 -0.39
N VAL B 82 -23.00 -8.66 -1.42
CA VAL B 82 -24.08 -7.70 -1.49
C VAL B 82 -25.37 -8.47 -1.70
N SER B 83 -26.21 -8.52 -0.67
CA SER B 83 -27.58 -9.00 -0.84
C SER B 83 -28.43 -7.96 -1.56
N GLU B 84 -29.56 -8.41 -2.10
CA GLU B 84 -30.48 -7.48 -2.75
C GLU B 84 -31.01 -6.44 -1.77
N GLU B 85 -31.15 -6.81 -0.49
CA GLU B 85 -31.51 -5.83 0.52
C GLU B 85 -30.38 -4.82 0.72
N ASP B 86 -29.14 -5.32 0.87
CA ASP B 86 -27.98 -4.42 0.98
C ASP B 86 -27.89 -3.49 -0.20
N PHE B 87 -28.31 -3.96 -1.38
CA PHE B 87 -28.02 -3.23 -2.60
C PHE B 87 -28.70 -1.87 -2.61
N GLN B 88 -29.81 -1.70 -1.88
CA GLN B 88 -30.47 -0.40 -1.94
C GLN B 88 -29.64 0.68 -1.27
N SER B 89 -29.18 0.43 -0.04
CA SER B 89 -28.24 1.35 0.60
C SER B 89 -26.99 1.51 -0.27
N LEU B 90 -26.39 0.39 -0.69
CA LEU B 90 -25.20 0.46 -1.52
C LEU B 90 -25.47 1.10 -2.88
N LYS B 91 -26.67 0.92 -3.47
CA LYS B 91 -26.93 1.64 -4.71
C LYS B 91 -27.06 3.13 -4.43
N ASN B 92 -27.27 3.58 -3.16
CA ASN B 92 -27.48 5.03 -3.07
C ASN B 92 -26.23 5.73 -2.48
N ASP B 93 -25.38 4.96 -1.78
CA ASP B 93 -24.08 5.43 -1.29
C ASP B 93 -23.15 5.77 -2.46
N GLN B 94 -23.06 4.87 -3.42
CA GLN B 94 -22.21 5.06 -4.58
C GLN B 94 -23.07 5.39 -5.78
N GLY B 95 -22.40 5.66 -6.88
CA GLY B 95 -23.08 6.01 -8.10
C GLY B 95 -23.51 4.77 -8.87
N ILE B 96 -23.84 3.66 -8.21
CA ILE B 96 -24.34 2.50 -8.96
C ILE B 96 -25.60 2.94 -9.68
N LEU B 97 -25.67 2.71 -11.00
CA LEU B 97 -26.79 3.35 -11.64
C LEU B 97 -27.71 2.29 -12.25
N VAL B 98 -27.29 1.01 -12.24
CA VAL B 98 -28.05 -0.13 -12.75
C VAL B 98 -28.85 -0.79 -11.64
N ASP B 99 -29.80 -1.64 -12.02
CA ASP B 99 -30.56 -2.39 -11.03
C ASP B 99 -29.78 -3.62 -10.58
N PHE B 100 -30.29 -4.29 -9.54
CA PHE B 100 -29.59 -5.46 -8.99
C PHE B 100 -29.52 -6.61 -9.98
N ALA B 101 -30.56 -6.79 -10.79
CA ALA B 101 -30.57 -7.86 -11.79
C ALA B 101 -29.40 -7.72 -12.78
N SER B 102 -29.00 -6.49 -13.09
CA SER B 102 -27.92 -6.23 -14.03
C SER B 102 -26.57 -5.91 -13.36
N PHE B 103 -26.55 -5.70 -12.05
CA PHE B 103 -25.32 -5.33 -11.35
C PHE B 103 -24.15 -6.26 -11.64
N PRO B 104 -24.30 -7.60 -11.60
CA PRO B 104 -23.12 -8.44 -11.87
C PRO B 104 -22.59 -8.24 -13.28
N GLY B 105 -23.48 -8.04 -14.26
CA GLY B 105 -23.03 -7.79 -15.61
C GLY B 105 -22.26 -6.50 -15.76
N LYS B 106 -22.62 -5.49 -14.95
CA LYS B 106 -21.88 -4.23 -15.01
C LYS B 106 -20.46 -4.42 -14.50
N ILE B 107 -20.31 -5.13 -13.38
CA ILE B 107 -18.98 -5.43 -12.85
C ILE B 107 -18.18 -6.24 -13.85
N ILE B 108 -18.82 -7.27 -14.43
CA ILE B 108 -18.12 -8.19 -15.31
C ILE B 108 -17.71 -7.49 -16.61
N SER B 109 -18.58 -6.64 -17.15
CA SER B 109 -18.21 -6.00 -18.40
C SER B 109 -17.12 -4.95 -18.17
N LEU B 110 -17.05 -4.39 -16.95
CA LEU B 110 -15.94 -3.50 -16.62
C LEU B 110 -14.64 -4.28 -16.44
N LEU B 111 -14.70 -5.42 -15.75
CA LEU B 111 -13.52 -6.28 -15.64
C LEU B 111 -13.04 -6.70 -17.03
N GLU B 112 -13.97 -6.99 -17.93
CA GLU B 112 -13.57 -7.36 -19.29
C GLU B 112 -12.81 -6.22 -19.97
N LYS B 113 -13.28 -4.97 -19.80
CA LYS B 113 -12.57 -3.84 -20.39
C LYS B 113 -11.16 -3.73 -19.83
N CYS B 114 -10.96 -4.09 -18.55
CA CYS B 114 -9.62 -4.01 -17.99
C CYS B 114 -8.73 -5.13 -18.50
N ILE B 115 -9.30 -6.30 -18.79
CA ILE B 115 -8.52 -7.35 -19.44
C ILE B 115 -8.14 -6.95 -20.86
N LEU B 116 -9.05 -6.32 -21.61
CA LEU B 116 -8.76 -5.94 -22.99
C LEU B 116 -7.90 -4.69 -23.10
N ALA B 117 -7.68 -3.97 -22.01
CA ALA B 117 -6.95 -2.69 -22.08
C ALA B 117 -5.51 -2.89 -22.53
N GLN B 118 -5.01 -1.93 -23.30
CA GLN B 118 -3.63 -1.91 -23.77
C GLN B 118 -2.95 -0.63 -23.33
N PRO B 119 -1.64 -0.67 -23.06
CA PRO B 119 -0.95 0.53 -22.53
C PRO B 119 -1.17 1.80 -23.32
N GLY B 120 -1.32 1.72 -24.64
CA GLY B 120 -1.51 2.93 -25.41
C GLY B 120 -2.94 3.40 -25.58
N ASP B 121 -3.90 2.73 -24.93
CA ASP B 121 -5.30 3.10 -25.08
C ASP B 121 -5.59 4.45 -24.42
N SER B 122 -6.52 5.19 -25.00
CA SER B 122 -6.99 6.44 -24.44
C SER B 122 -8.37 6.73 -25.03
N PRO B 123 -9.46 6.49 -24.29
CA PRO B 123 -9.56 6.05 -22.89
C PRO B 123 -9.01 4.65 -22.60
N ARG B 124 -8.39 4.50 -21.44
CA ARG B 124 -7.88 3.22 -20.98
C ARG B 124 -8.57 2.84 -19.68
N PHE B 125 -9.09 1.61 -19.62
CA PHE B 125 -9.74 1.12 -18.42
C PHE B 125 -8.76 0.38 -17.53
N GLN B 126 -8.87 0.61 -16.22
CA GLN B 126 -7.85 0.13 -15.30
C GLN B 126 -8.49 -0.18 -13.95
N ALA B 127 -8.08 -1.31 -13.36
CA ALA B 127 -8.58 -1.76 -12.07
C ALA B 127 -7.57 -1.41 -10.99
N VAL B 128 -8.08 -0.97 -9.84
CA VAL B 128 -7.24 -0.50 -8.74
C VAL B 128 -7.77 -1.09 -7.44
N LEU B 129 -6.86 -1.59 -6.59
CA LEU B 129 -7.24 -2.13 -5.29
C LEU B 129 -6.33 -1.52 -4.24
N THR B 130 -6.93 -0.82 -3.26
CA THR B 130 -6.18 -0.14 -2.21
C THR B 130 -6.50 -0.76 -0.85
N ILE B 131 -5.47 -1.12 -0.12
CA ILE B 131 -5.61 -1.91 1.10
C ILE B 131 -4.94 -1.14 2.23
N ARG B 132 -5.74 -0.71 3.22
CA ARG B 132 -5.27 0.02 4.41
C ARG B 132 -5.71 -0.74 5.65
N GLY B 133 -4.97 -1.81 5.96
CA GLY B 133 -5.26 -2.61 7.15
C GLY B 133 -6.51 -3.45 7.00
N GLY B 134 -7.50 -3.21 7.84
CA GLY B 134 -8.72 -3.99 7.80
C GLY B 134 -9.77 -3.49 6.83
N GLU B 135 -9.37 -2.75 5.81
CA GLU B 135 -10.32 -2.22 4.84
C GLU B 135 -9.67 -2.11 3.48
N SER B 136 -10.42 -2.48 2.44
CA SER B 136 -9.93 -2.45 1.07
C SER B 136 -11.03 -1.91 0.17
N VAL B 137 -10.63 -1.09 -0.80
CA VAL B 137 -11.55 -0.45 -1.72
C VAL B 137 -11.10 -0.80 -3.14
N PHE B 138 -12.00 -1.36 -3.92
CA PHE B 138 -11.75 -1.74 -5.29
C PHE B 138 -12.43 -0.75 -6.23
N LYS B 139 -11.71 -0.34 -7.26
CA LYS B 139 -12.19 0.67 -8.18
C LYS B 139 -11.82 0.26 -9.61
N ILE B 140 -12.69 0.55 -10.57
CA ILE B 140 -12.35 0.47 -11.98
C ILE B 140 -12.52 1.86 -12.55
N VAL B 141 -11.42 2.41 -13.09
CA VAL B 141 -11.42 3.78 -13.58
C VAL B 141 -11.17 3.77 -15.07
N GLU B 142 -11.56 4.86 -15.71
CA GLU B 142 -11.32 5.10 -17.13
C GLU B 142 -10.30 6.23 -17.20
N ILE B 143 -9.11 5.93 -17.68
CA ILE B 143 -8.05 6.92 -17.75
C ILE B 143 -8.00 7.51 -19.16
N ASN B 144 -8.30 8.81 -19.25
CA ASN B 144 -8.01 9.61 -20.42
C ASN B 144 -6.93 10.56 -19.96
N ASP B 145 -6.20 11.17 -20.91
CA ASP B 145 -5.11 12.06 -20.52
C ASP B 145 -4.36 11.47 -19.34
N PHE B 146 -4.52 12.15 -18.22
CA PHE B 146 -4.11 11.71 -16.90
C PHE B 146 -5.28 11.80 -15.94
N LYS B 147 -6.39 12.42 -16.35
CA LYS B 147 -7.64 12.45 -15.62
C LYS B 147 -8.13 11.02 -15.43
N GLN B 148 -9.02 10.84 -14.47
CA GLN B 148 -9.56 9.50 -14.27
C GLN B 148 -10.98 9.59 -13.74
N LEU B 149 -11.85 8.80 -14.34
CA LEU B 149 -13.26 8.75 -14.04
C LEU B 149 -13.58 7.38 -13.47
N PRO B 150 -13.99 7.30 -12.20
CA PRO B 150 -14.33 5.97 -11.64
C PRO B 150 -15.66 5.48 -12.20
N HIS B 151 -15.66 4.26 -12.74
CA HIS B 151 -16.92 3.67 -13.20
C HIS B 151 -17.61 2.87 -12.12
N ILE B 152 -16.87 2.33 -11.16
CA ILE B 152 -17.49 1.62 -10.04
C ILE B 152 -16.50 1.62 -8.89
N THR B 153 -17.03 1.67 -7.68
CA THR B 153 -16.22 1.67 -6.47
C THR B 153 -16.89 0.75 -5.46
N LEU B 154 -16.15 -0.22 -4.93
CA LEU B 154 -16.71 -1.26 -4.10
C LEU B 154 -15.83 -1.50 -2.89
N ALA B 155 -16.45 -1.51 -1.71
CA ALA B 155 -15.75 -1.81 -0.47
C ALA B 155 -15.63 -3.32 -0.33
N PHE B 156 -14.40 -3.78 -0.18
CA PHE B 156 -14.09 -5.19 0.06
C PHE B 156 -13.62 -5.35 1.51
N ARG B 157 -13.49 -6.60 1.94
CA ARG B 157 -13.08 -6.89 3.30
C ARG B 157 -12.07 -8.02 3.31
N PRO B 158 -11.04 -7.92 4.15
CA PRO B 158 -10.05 -9.00 4.26
C PRO B 158 -10.68 -10.31 4.71
N GLY B 159 -10.14 -11.41 4.19
CA GLY B 159 -10.61 -12.74 4.53
C GLY B 159 -11.94 -13.10 3.88
N ASN B 160 -12.34 -14.36 4.03
CA ASN B 160 -13.56 -14.86 3.38
C ASN B 160 -14.83 -14.25 3.98
N GLU C 25 13.26 -35.69 -41.73
CA GLU C 25 12.22 -34.81 -41.23
C GLU C 25 12.79 -33.44 -40.84
N GLU C 26 12.41 -32.40 -41.58
CA GLU C 26 12.67 -31.02 -41.18
C GLU C 26 11.38 -30.48 -40.58
N ASN C 27 11.42 -30.12 -39.30
CA ASN C 27 10.24 -29.54 -38.65
C ASN C 27 10.11 -28.12 -39.17
N LEU C 28 9.46 -27.95 -40.30
CA LEU C 28 9.42 -26.68 -41.01
C LEU C 28 10.89 -26.33 -41.26
N TYR C 29 11.40 -25.23 -40.71
CA TYR C 29 12.85 -25.00 -40.60
C TYR C 29 13.36 -25.68 -39.35
N PHE C 30 14.38 -26.52 -39.51
CA PHE C 30 14.95 -27.26 -38.37
C PHE C 30 15.32 -26.34 -37.21
N GLN C 31 15.64 -25.07 -37.49
CA GLN C 31 16.10 -24.18 -36.45
C GLN C 31 14.98 -23.82 -35.48
N GLY C 32 13.78 -23.51 -36.00
CA GLY C 32 12.69 -23.16 -35.11
C GLY C 32 12.08 -24.33 -34.35
N SER C 33 12.19 -25.54 -34.89
CA SER C 33 11.85 -26.73 -34.10
C SER C 33 12.65 -26.79 -32.81
N VAL C 34 13.92 -26.38 -32.86
CA VAL C 34 14.83 -26.54 -31.75
C VAL C 34 15.14 -25.20 -31.10
N SER C 35 14.37 -24.16 -31.41
CA SER C 35 14.61 -22.85 -30.83
C SER C 35 14.26 -22.86 -29.35
N SER C 36 15.08 -22.20 -28.55
CA SER C 36 14.86 -22.08 -27.11
C SER C 36 14.58 -20.65 -26.67
N VAL C 37 14.57 -19.69 -27.60
CA VAL C 37 14.38 -18.29 -27.21
C VAL C 37 12.89 -17.97 -27.18
N PRO C 38 12.41 -17.31 -26.13
CA PRO C 38 11.01 -16.85 -26.14
C PRO C 38 10.81 -15.79 -27.21
N THR C 39 9.54 -15.55 -27.53
CA THR C 39 9.19 -14.54 -28.52
C THR C 39 8.13 -13.61 -27.94
N LYS C 40 7.98 -12.45 -28.59
CA LYS C 40 6.92 -11.48 -28.25
C LYS C 40 6.96 -11.08 -26.79
N LEU C 41 8.13 -10.74 -26.30
CA LEU C 41 8.18 -10.11 -25.01
C LEU C 41 7.62 -8.70 -25.17
N GLU C 42 6.59 -8.38 -24.40
CA GLU C 42 5.95 -7.09 -24.53
C GLU C 42 5.34 -6.72 -23.19
N VAL C 43 5.13 -5.43 -23.00
CA VAL C 43 4.45 -4.91 -21.82
C VAL C 43 2.97 -4.86 -22.16
N VAL C 44 2.16 -5.56 -21.35
CA VAL C 44 0.72 -5.61 -21.60
C VAL C 44 -0.06 -4.67 -20.70
N ALA C 45 0.50 -4.27 -19.57
CA ALA C 45 -0.10 -3.25 -18.75
C ALA C 45 1.02 -2.57 -17.96
N ALA C 46 0.77 -1.35 -17.54
CA ALA C 46 1.83 -0.57 -16.91
C ALA C 46 1.24 0.42 -15.93
N THR C 47 2.00 0.67 -14.87
CA THR C 47 1.80 1.78 -13.94
C THR C 47 3.13 2.49 -13.86
N PRO C 48 3.17 3.70 -13.27
CA PRO C 48 4.47 4.39 -13.13
C PRO C 48 5.61 3.56 -12.53
N THR C 49 5.33 2.61 -11.62
CA THR C 49 6.41 1.88 -10.98
C THR C 49 6.31 0.37 -11.14
N SER C 50 5.33 -0.14 -11.88
CA SER C 50 5.16 -1.59 -11.97
C SER C 50 4.66 -1.94 -13.35
N LEU C 51 5.12 -3.08 -13.87
CA LEU C 51 4.80 -3.49 -15.22
C LEU C 51 4.33 -4.95 -15.24
N LEU C 52 3.44 -5.24 -16.18
CA LEU C 52 3.01 -6.60 -16.45
C LEU C 52 3.50 -6.97 -17.84
N ILE C 53 4.39 -7.96 -17.92
CA ILE C 53 4.98 -8.39 -19.17
C ILE C 53 4.40 -9.74 -19.56
N SER C 54 4.48 -10.05 -20.85
CA SER C 54 4.04 -11.32 -21.39
C SER C 54 4.96 -11.71 -22.55
N TRP C 55 4.99 -13.01 -22.85
CA TRP C 55 5.83 -13.56 -23.90
C TRP C 55 5.25 -14.90 -24.35
N ASP C 56 5.71 -15.38 -25.50
CA ASP C 56 5.35 -16.69 -26.03
C ASP C 56 6.48 -17.69 -25.78
N ALA C 57 6.10 -18.93 -25.48
CA ALA C 57 7.08 -19.96 -25.20
C ALA C 57 7.85 -20.34 -26.46
N PRO C 58 9.09 -20.80 -26.32
CA PRO C 58 9.82 -21.35 -27.46
C PRO C 58 9.33 -22.77 -27.76
N ALA C 59 9.96 -23.40 -28.75
CA ALA C 59 9.58 -24.75 -29.16
C ALA C 59 9.94 -25.78 -28.10
N VAL C 60 11.10 -25.62 -27.43
CA VAL C 60 11.54 -26.64 -26.47
C VAL C 60 10.70 -26.57 -25.20
N THR C 61 10.71 -27.69 -24.47
CA THR C 61 10.08 -27.74 -23.15
C THR C 61 10.82 -26.81 -22.19
N VAL C 62 10.10 -25.90 -21.56
CA VAL C 62 10.71 -24.91 -20.66
C VAL C 62 10.68 -25.45 -19.25
N TYR C 63 11.85 -25.60 -18.63
CA TYR C 63 11.90 -26.06 -17.24
C TYR C 63 11.44 -24.96 -16.28
N PHE C 64 11.86 -23.72 -16.53
CA PHE C 64 11.36 -22.52 -15.85
C PHE C 64 11.93 -21.32 -16.60
N TYR C 65 11.36 -20.14 -16.32
CA TYR C 65 11.79 -18.90 -16.95
C TYR C 65 12.56 -18.04 -15.96
N VAL C 66 13.49 -17.25 -16.50
CA VAL C 66 14.24 -16.26 -15.71
C VAL C 66 13.92 -14.89 -16.28
N ILE C 67 13.47 -13.99 -15.42
CA ILE C 67 13.18 -12.61 -15.80
C ILE C 67 14.26 -11.75 -15.19
N THR C 68 14.87 -10.88 -16.00
CA THR C 68 15.86 -9.93 -15.52
C THR C 68 15.47 -8.53 -15.97
N TYR C 69 15.82 -7.52 -15.14
CA TYR C 69 15.53 -6.14 -15.48
C TYR C 69 16.50 -5.22 -14.76
N GLY C 70 16.87 -4.13 -15.41
CA GLY C 70 17.67 -3.05 -14.82
C GLY C 70 17.57 -1.82 -15.69
N GLU C 71 18.02 -0.69 -15.13
CA GLU C 71 18.09 0.53 -15.93
C GLU C 71 19.02 0.30 -17.12
N THR C 72 18.61 0.77 -18.31
CA THR C 72 19.31 0.35 -19.53
C THR C 72 20.74 0.85 -19.58
N GLY C 73 20.96 2.13 -19.27
CA GLY C 73 22.30 2.65 -19.27
C GLY C 73 23.13 2.27 -18.06
N GLY C 74 22.48 1.94 -16.96
CA GLY C 74 23.19 1.79 -15.71
C GLY C 74 24.12 0.60 -15.71
N ASN C 75 25.16 0.68 -14.89
CA ASN C 75 26.01 -0.46 -14.60
C ASN C 75 25.80 -0.94 -13.18
N SER C 76 24.62 -0.67 -12.63
CA SER C 76 24.15 -1.30 -11.41
C SER C 76 23.62 -2.70 -11.74
N PRO C 77 23.68 -3.62 -10.77
CA PRO C 77 23.49 -5.03 -11.11
C PRO C 77 22.05 -5.28 -11.51
N VAL C 78 21.88 -6.23 -12.43
CA VAL C 78 20.56 -6.62 -12.91
C VAL C 78 19.82 -7.40 -11.83
N GLN C 79 18.57 -7.02 -11.59
CA GLN C 79 17.67 -7.84 -10.79
C GLN C 79 17.13 -9.01 -11.60
N GLU C 80 16.95 -10.16 -10.96
CA GLU C 80 16.35 -11.30 -11.65
C GLU C 80 15.47 -12.11 -10.71
N PHE C 81 14.51 -12.82 -11.31
CA PHE C 81 13.68 -13.76 -10.56
C PHE C 81 13.18 -14.84 -11.53
N GLU C 82 12.63 -15.90 -10.95
CA GLU C 82 12.20 -17.08 -11.69
C GLU C 82 10.68 -17.23 -11.69
N VAL C 83 10.13 -17.76 -12.77
CA VAL C 83 8.70 -18.09 -12.84
C VAL C 83 8.54 -19.51 -13.41
N PRO C 84 7.50 -20.25 -13.02
CA PRO C 84 7.39 -21.64 -13.48
C PRO C 84 7.38 -21.73 -14.99
N GLY C 85 7.77 -22.90 -15.51
CA GLY C 85 7.86 -23.09 -16.95
C GLY C 85 6.53 -23.05 -17.67
N SER C 86 5.43 -23.19 -16.93
CA SER C 86 4.10 -23.07 -17.51
C SER C 86 3.61 -21.64 -17.62
N LYS C 87 4.21 -20.69 -16.90
CA LYS C 87 3.67 -19.34 -16.92
C LYS C 87 4.23 -18.55 -18.08
N SER C 88 3.44 -17.60 -18.57
CA SER C 88 3.80 -16.78 -19.71
C SER C 88 3.67 -15.28 -19.42
N THR C 89 3.44 -14.89 -18.17
CA THR C 89 3.39 -13.49 -17.75
C THR C 89 4.13 -13.36 -16.43
N ALA C 90 4.48 -12.12 -16.07
CA ALA C 90 5.14 -11.85 -14.81
C ALA C 90 4.99 -10.37 -14.46
N THR C 91 5.06 -10.09 -13.17
CA THR C 91 5.01 -8.72 -12.67
C THR C 91 6.41 -8.27 -12.29
N ILE C 92 6.74 -7.03 -12.67
CA ILE C 92 7.97 -6.35 -12.26
C ILE C 92 7.54 -5.08 -11.55
N SER C 93 8.06 -4.87 -10.33
CA SER C 93 7.62 -3.77 -9.49
C SER C 93 8.85 -3.01 -9.01
N GLY C 94 8.59 -1.94 -8.25
CA GLY C 94 9.67 -1.21 -7.62
C GLY C 94 10.54 -0.44 -8.59
N LEU C 95 10.00 -0.08 -9.75
CA LEU C 95 10.75 0.65 -10.76
C LEU C 95 10.67 2.16 -10.50
N LYS C 96 11.57 2.89 -11.14
CA LYS C 96 11.37 4.33 -10.99
C LYS C 96 10.56 4.89 -12.15
N PRO C 97 9.72 5.88 -11.89
CA PRO C 97 8.91 6.47 -12.97
C PRO C 97 9.78 7.29 -13.89
N GLY C 98 9.61 7.09 -15.20
CA GLY C 98 10.33 7.88 -16.18
C GLY C 98 11.70 7.36 -16.54
N VAL C 99 12.09 6.22 -16.03
CA VAL C 99 13.40 5.65 -16.30
C VAL C 99 13.25 4.53 -17.31
N ASP C 100 14.24 4.38 -18.18
CA ASP C 100 14.18 3.35 -19.20
C ASP C 100 14.82 2.10 -18.62
N TYR C 101 14.14 0.96 -18.79
CA TYR C 101 14.56 -0.32 -18.26
C TYR C 101 14.72 -1.30 -19.41
N THR C 102 15.74 -2.15 -19.33
CA THR C 102 15.92 -3.25 -20.26
C THR C 102 15.42 -4.53 -19.59
N ILE C 103 14.37 -5.12 -20.16
CA ILE C 103 13.74 -6.32 -19.62
C ILE C 103 14.12 -7.50 -20.49
N THR C 104 14.51 -8.59 -19.85
CA THR C 104 14.98 -9.79 -20.52
C THR C 104 14.27 -11.03 -19.96
N VAL C 105 13.88 -11.94 -20.84
CA VAL C 105 13.31 -13.23 -20.45
C VAL C 105 14.10 -14.32 -21.16
N TYR C 106 14.50 -15.35 -20.42
CA TYR C 106 15.06 -16.54 -21.05
C TYR C 106 14.52 -17.78 -20.36
N ALA C 107 14.65 -18.91 -21.05
CA ALA C 107 14.12 -20.19 -20.60
C ALA C 107 15.25 -21.15 -20.25
N ASN C 108 15.20 -21.70 -19.04
CA ASN C 108 16.02 -22.87 -18.73
C ASN C 108 15.39 -24.08 -19.40
N ASN C 109 16.19 -24.83 -20.14
CA ASN C 109 15.70 -25.93 -20.97
C ASN C 109 16.86 -26.89 -21.21
N LYS C 110 16.63 -27.90 -22.06
CA LYS C 110 17.64 -28.92 -22.30
C LYS C 110 18.93 -28.35 -22.84
N TYR C 111 18.86 -27.22 -23.54
CA TYR C 111 20.06 -26.60 -24.10
C TYR C 111 20.83 -25.77 -23.08
N SER C 112 20.35 -25.67 -21.83
CA SER C 112 20.99 -24.82 -20.82
C SER C 112 22.26 -25.41 -20.24
N ARG C 113 22.44 -26.74 -20.31
CA ARG C 113 23.65 -27.35 -19.75
C ARG C 113 24.89 -26.86 -20.50
N TRP C 114 24.84 -26.92 -21.83
CA TRP C 114 26.04 -26.81 -22.65
C TRP C 114 25.98 -25.69 -23.68
N TYR C 115 24.88 -24.91 -23.73
CA TYR C 115 24.74 -23.81 -24.67
C TYR C 115 24.32 -22.58 -23.88
N GLY C 116 24.68 -21.42 -24.40
CA GLY C 116 24.54 -20.17 -23.66
C GLY C 116 23.08 -19.80 -23.41
N ILE C 117 22.90 -18.84 -22.50
CA ILE C 117 21.60 -18.24 -22.30
C ILE C 117 21.13 -17.62 -23.61
N SER C 118 19.86 -17.85 -23.96
CA SER C 118 19.30 -17.44 -25.24
C SER C 118 18.13 -16.50 -24.93
N PRO C 119 18.40 -15.21 -24.70
CA PRO C 119 17.35 -14.32 -24.20
C PRO C 119 16.63 -13.53 -25.28
N ILE C 120 15.44 -13.03 -24.95
CA ILE C 120 14.78 -11.99 -25.73
C ILE C 120 14.67 -10.79 -24.80
N SER C 121 14.77 -9.59 -25.39
CA SER C 121 14.93 -8.37 -24.63
C SER C 121 14.09 -7.26 -25.25
N ILE C 122 13.60 -6.36 -24.39
CA ILE C 122 12.90 -5.15 -24.83
C ILE C 122 13.29 -4.01 -23.89
N ASN C 123 13.09 -2.79 -24.38
CA ASN C 123 13.26 -1.58 -23.60
C ASN C 123 11.90 -0.93 -23.36
N TYR C 124 11.65 -0.50 -22.13
CA TYR C 124 10.40 0.18 -21.81
C TYR C 124 10.68 1.29 -20.80
N ARG C 125 10.07 2.45 -21.02
CA ARG C 125 10.21 3.58 -20.10
C ARG C 125 8.89 3.73 -19.36
N THR C 126 8.96 3.69 -18.04
CA THR C 126 7.76 3.82 -17.22
C THR C 126 7.26 5.25 -17.17
N GLN D 31 5.28 15.87 39.19
CA GLN D 31 5.45 16.04 37.74
C GLN D 31 4.87 14.88 36.94
N GLY D 32 3.55 14.69 37.03
CA GLY D 32 2.85 13.71 36.22
C GLY D 32 2.75 14.12 34.76
N SER D 33 3.01 15.39 34.50
CA SER D 33 3.16 16.01 33.18
C SER D 33 4.06 15.26 32.19
N VAL D 34 5.12 14.61 32.67
CA VAL D 34 6.17 14.13 31.78
C VAL D 34 6.13 12.61 31.60
N SER D 35 5.05 11.95 31.98
CA SER D 35 4.99 10.50 31.84
C SER D 35 4.94 10.11 30.37
N SER D 36 5.67 9.05 30.02
CA SER D 36 5.65 8.52 28.66
C SER D 36 5.13 7.08 28.59
N VAL D 37 4.84 6.45 29.72
CA VAL D 37 4.41 5.06 29.72
C VAL D 37 2.89 5.02 29.64
N PRO D 38 2.31 4.17 28.79
CA PRO D 38 0.86 4.02 28.80
C PRO D 38 0.41 3.41 30.12
N THR D 39 -0.89 3.53 30.43
CA THR D 39 -1.40 3.00 31.69
C THR D 39 -2.67 2.20 31.48
N LYS D 40 -2.94 1.33 32.46
CA LYS D 40 -4.16 0.53 32.53
C LYS D 40 -4.42 -0.18 31.19
N LEU D 41 -3.41 -0.87 30.71
CA LEU D 41 -3.53 -1.77 29.57
C LEU D 41 -4.37 -2.98 29.97
N GLU D 42 -5.44 -3.26 29.21
CA GLU D 42 -6.35 -4.33 29.59
C GLU D 42 -7.00 -4.93 28.35
N VAL D 43 -7.52 -6.14 28.53
CA VAL D 43 -8.24 -6.86 27.47
C VAL D 43 -9.72 -6.52 27.55
N VAL D 44 -10.28 -6.02 26.44
CA VAL D 44 -11.68 -5.62 26.43
C VAL D 44 -12.55 -6.66 25.71
N ALA D 45 -11.96 -7.44 24.80
CA ALA D 45 -12.71 -8.52 24.16
C ALA D 45 -11.74 -9.59 23.66
N ALA D 46 -12.26 -10.80 23.45
CA ALA D 46 -11.42 -11.95 23.15
C ALA D 46 -12.14 -12.98 22.30
N THR D 47 -11.37 -13.71 21.50
CA THR D 47 -11.77 -14.89 20.75
C THR D 47 -10.75 -15.97 21.09
N PRO D 48 -11.04 -17.25 20.79
CA PRO D 48 -10.04 -18.28 21.06
C PRO D 48 -8.65 -17.95 20.58
N THR D 49 -8.56 -17.21 19.48
CA THR D 49 -7.30 -16.87 18.82
C THR D 49 -7.15 -15.38 18.61
N SER D 50 -8.02 -14.56 19.21
CA SER D 50 -8.07 -13.13 18.94
C SER D 50 -8.29 -12.33 20.23
N LEU D 51 -7.65 -11.16 20.32
CA LEU D 51 -7.76 -10.28 21.47
C LEU D 51 -7.94 -8.84 21.02
N LEU D 52 -8.72 -8.08 21.80
CA LEU D 52 -8.83 -6.63 21.63
C LEU D 52 -8.32 -5.99 22.91
N ILE D 53 -7.19 -5.29 22.82
CA ILE D 53 -6.58 -4.67 23.98
C ILE D 53 -6.80 -3.17 23.89
N SER D 54 -6.75 -2.52 25.05
CA SER D 54 -6.85 -1.07 25.10
C SER D 54 -6.02 -0.56 26.27
N TRP D 55 -5.68 0.73 26.20
CA TRP D 55 -4.83 1.35 27.20
C TRP D 55 -5.11 2.85 27.18
N ASP D 56 -4.61 3.54 28.19
CA ASP D 56 -4.69 4.98 28.23
C ASP D 56 -3.36 5.57 27.79
N ALA D 57 -3.44 6.67 27.04
CA ALA D 57 -2.23 7.31 26.53
C ALA D 57 -1.47 7.96 27.67
N PRO D 58 -0.15 8.13 27.52
CA PRO D 58 0.61 8.91 28.50
C PRO D 58 0.37 10.40 28.28
N ALA D 59 1.03 11.19 29.12
CA ALA D 59 0.88 12.64 29.02
C ALA D 59 1.53 13.17 27.75
N VAL D 60 2.67 12.61 27.36
CA VAL D 60 3.38 13.13 26.19
C VAL D 60 2.65 12.77 24.91
N THR D 61 2.90 13.56 23.87
CA THR D 61 2.39 13.24 22.54
C THR D 61 3.02 11.95 22.03
N VAL D 62 2.18 11.00 21.61
CA VAL D 62 2.68 9.71 21.12
C VAL D 62 2.87 9.79 19.61
N TYR D 63 4.09 9.52 19.14
CA TYR D 63 4.37 9.53 17.71
C TYR D 63 3.75 8.30 17.02
N PHE D 64 3.87 7.14 17.64
CA PHE D 64 3.20 5.90 17.27
C PHE D 64 3.48 4.91 18.39
N TYR D 65 2.68 3.86 18.43
CA TYR D 65 2.80 2.83 19.44
C TYR D 65 3.45 1.60 18.83
N VAL D 66 4.18 0.87 19.66
CA VAL D 66 4.72 -0.43 19.31
C VAL D 66 4.05 -1.42 20.25
N ILE D 67 3.39 -2.42 19.68
CA ILE D 67 2.74 -3.47 20.45
C ILE D 67 3.54 -4.75 20.25
N THR D 68 3.84 -5.43 21.36
CA THR D 68 4.60 -6.67 21.31
C THR D 68 3.84 -7.77 22.03
N TYR D 69 3.97 -9.00 21.53
CA TYR D 69 3.34 -10.14 22.16
C TYR D 69 4.10 -11.42 21.83
N GLY D 70 4.14 -12.33 22.80
CA GLY D 70 4.69 -13.65 22.63
C GLY D 70 4.23 -14.53 23.77
N GLU D 71 4.42 -15.84 23.58
CA GLU D 71 4.10 -16.80 24.64
C GLU D 71 4.89 -16.49 25.91
N THR D 72 4.21 -16.59 27.05
CA THR D 72 4.84 -16.22 28.33
C THR D 72 5.99 -17.15 28.65
N GLY D 73 5.93 -18.40 28.17
CA GLY D 73 7.04 -19.32 28.37
C GLY D 73 8.24 -18.85 27.57
N GLY D 74 9.39 -18.87 28.23
CA GLY D 74 10.55 -18.17 27.72
C GLY D 74 11.14 -18.78 26.46
N ASN D 75 11.88 -17.91 25.77
CA ASN D 75 12.84 -18.25 24.73
C ASN D 75 12.19 -18.55 23.38
N SER D 76 10.98 -18.04 23.12
CA SER D 76 10.53 -18.00 21.73
C SER D 76 10.04 -16.59 21.39
N PRO D 77 10.12 -16.19 20.12
CA PRO D 77 10.21 -14.76 19.78
C PRO D 77 8.94 -13.94 20.02
N VAL D 78 9.16 -12.69 20.41
CA VAL D 78 8.11 -11.70 20.55
C VAL D 78 7.75 -11.16 19.16
N GLN D 79 6.46 -11.18 18.83
CA GLN D 79 5.94 -10.48 17.65
C GLN D 79 5.77 -8.99 17.91
N GLU D 80 5.90 -8.18 16.85
CA GLU D 80 5.73 -6.73 16.97
C GLU D 80 4.96 -6.17 15.78
N PHE D 81 4.23 -5.08 16.04
CA PHE D 81 3.60 -4.31 14.98
C PHE D 81 3.37 -2.89 15.52
N GLU D 82 3.06 -1.98 14.60
CA GLU D 82 2.92 -0.58 14.93
C GLU D 82 1.45 -0.15 14.84
N VAL D 83 1.08 0.79 15.70
CA VAL D 83 -0.26 1.36 15.72
C VAL D 83 -0.11 2.89 15.75
N PRO D 84 -0.99 3.64 15.10
CA PRO D 84 -0.81 5.11 15.07
C PRO D 84 -0.86 5.70 16.48
N GLY D 85 -0.22 6.88 16.61
CA GLY D 85 -0.13 7.51 17.91
C GLY D 85 -1.44 8.00 18.49
N SER D 86 -2.46 8.18 17.64
CA SER D 86 -3.78 8.61 18.09
C SER D 86 -4.65 7.47 18.59
N LYS D 87 -4.30 6.23 18.26
CA LYS D 87 -5.17 5.10 18.59
C LYS D 87 -4.93 4.65 20.02
N SER D 88 -5.96 4.06 20.61
CA SER D 88 -5.91 3.59 21.99
C SER D 88 -6.27 2.12 22.12
N THR D 89 -6.49 1.43 20.99
CA THR D 89 -6.81 0.02 20.96
C THR D 89 -6.07 -0.64 19.80
N ALA D 90 -6.02 -1.97 19.84
CA ALA D 90 -5.49 -2.75 18.74
C ALA D 90 -6.01 -4.17 18.86
N THR D 91 -6.12 -4.84 17.71
CA THR D 91 -6.53 -6.24 17.62
C THR D 91 -5.32 -7.11 17.30
N ILE D 92 -5.25 -8.27 17.96
CA ILE D 92 -4.20 -9.27 17.77
C ILE D 92 -4.85 -10.59 17.36
N SER D 93 -4.18 -11.31 16.46
CA SER D 93 -4.72 -12.51 15.81
C SER D 93 -3.85 -13.71 16.15
N GLY D 94 -4.31 -14.90 15.73
CA GLY D 94 -3.44 -16.05 15.58
C GLY D 94 -2.82 -16.63 16.84
N LEU D 95 -3.46 -16.50 17.98
CA LEU D 95 -2.90 -16.99 19.23
C LEU D 95 -3.24 -18.46 19.44
N LYS D 96 -2.58 -19.08 20.38
CA LYS D 96 -2.93 -20.43 20.75
C LYS D 96 -4.01 -20.38 21.82
N PRO D 97 -5.03 -21.23 21.74
CA PRO D 97 -6.06 -21.22 22.79
C PRO D 97 -5.52 -21.87 24.05
N GLY D 98 -5.73 -21.20 25.19
CA GLY D 98 -5.35 -21.74 26.48
C GLY D 98 -3.91 -21.47 26.88
N VAL D 99 -3.17 -20.71 26.08
CA VAL D 99 -1.80 -20.31 26.41
C VAL D 99 -1.83 -18.83 26.77
N ASP D 100 -0.97 -18.44 27.70
CA ASP D 100 -0.89 -17.05 28.12
C ASP D 100 0.24 -16.35 27.39
N TYR D 101 -0.03 -15.13 27.00
CA TYR D 101 0.88 -14.30 26.24
C TYR D 101 1.20 -13.09 27.11
N THR D 102 2.43 -12.60 26.97
CA THR D 102 2.81 -11.36 27.61
C THR D 102 2.66 -10.27 26.56
N ILE D 103 1.72 -9.36 26.79
CA ILE D 103 1.37 -8.31 25.86
C ILE D 103 2.02 -7.04 26.37
N THR D 104 2.74 -6.35 25.50
CA THR D 104 3.49 -5.17 25.91
C THR D 104 3.21 -4.02 24.95
N VAL D 105 2.98 -2.85 25.51
CA VAL D 105 2.75 -1.63 24.76
C VAL D 105 3.77 -0.59 25.23
N TYR D 106 4.41 0.10 24.29
CA TYR D 106 5.17 1.29 24.62
C TYR D 106 4.97 2.33 23.53
N ALA D 107 5.28 3.57 23.87
CA ALA D 107 5.03 4.72 23.01
C ALA D 107 6.36 5.32 22.55
N ASN D 108 6.50 5.51 21.25
CA ASN D 108 7.55 6.37 20.73
C ASN D 108 7.13 7.82 20.92
N ASN D 109 8.01 8.63 21.50
CA ASN D 109 7.69 10.00 21.89
C ASN D 109 9.00 10.78 22.01
N LYS D 110 8.90 12.03 22.50
CA LYS D 110 10.08 12.89 22.57
C LYS D 110 11.19 12.29 23.43
N TYR D 111 10.84 11.47 24.42
CA TYR D 111 11.85 10.87 25.28
C TYR D 111 12.50 9.63 24.68
N SER D 112 12.13 9.25 23.45
CA SER D 112 12.63 8.03 22.84
C SER D 112 14.06 8.14 22.31
N ARG D 113 14.55 9.36 22.02
CA ARG D 113 15.90 9.50 21.49
C ARG D 113 16.94 9.06 22.51
N TRP D 114 16.80 9.53 23.77
CA TRP D 114 17.88 9.45 24.74
C TRP D 114 17.52 8.74 26.02
N TYR D 115 16.30 8.21 26.14
CA TYR D 115 15.85 7.50 27.33
C TYR D 115 15.27 6.15 26.91
N GLY D 116 15.33 5.18 27.81
CA GLY D 116 15.00 3.82 27.44
C GLY D 116 13.53 3.63 27.09
N ILE D 117 13.26 2.50 26.41
CA ILE D 117 11.88 2.12 26.15
C ILE D 117 11.16 1.93 27.48
N SER D 118 9.95 2.49 27.56
CA SER D 118 9.20 2.58 28.81
C SER D 118 7.87 1.85 28.63
N PRO D 119 7.88 0.52 28.80
CA PRO D 119 6.69 -0.27 28.42
C PRO D 119 5.75 -0.58 29.58
N ILE D 120 4.49 -0.89 29.24
CA ILE D 120 3.53 -1.47 30.16
C ILE D 120 3.17 -2.86 29.63
N SER D 121 2.93 -3.79 30.54
CA SER D 121 2.78 -5.18 30.16
C SER D 121 1.68 -5.87 30.98
N ILE D 122 1.02 -6.85 30.35
CA ILE D 122 0.03 -7.70 30.99
C ILE D 122 0.19 -9.12 30.47
N ASN D 123 -0.33 -10.08 31.23
CA ASN D 123 -0.41 -11.47 30.81
C ASN D 123 -1.89 -11.84 30.65
N TYR D 124 -2.23 -12.49 29.54
CA TYR D 124 -3.62 -12.87 29.30
C TYR D 124 -3.75 -14.24 28.65
N ARG D 125 -4.73 -15.01 29.13
CA ARG D 125 -5.00 -16.39 28.73
C ARG D 125 -6.20 -16.52 27.81
N THR D 126 -6.04 -17.38 26.80
CA THR D 126 -7.10 -17.75 25.86
C THR D 126 -7.43 -16.63 24.87
#